data_2Z5Y
#
_entry.id   2Z5Y
#
_cell.length_a   135.547
_cell.length_b   217.364
_cell.length_c   54.804
_cell.angle_alpha   90.00
_cell.angle_beta   90.00
_cell.angle_gamma   90.00
#
_symmetry.space_group_name_H-M   'C 2 2 2'
#
loop_
_entity.id
_entity.type
_entity.pdbx_description
1 polymer 'Amine oxidase [flavin-containing] A'
2 non-polymer 'FLAVIN-ADENINE DINUCLEOTIDE'
3 non-polymer 7-METHOXY-1-METHYL-9H-BETA-CARBOLINE
4 non-polymer 'DECYL(DIMETHYL)PHOSPHINE OXIDE'
5 water water
#
_entity_poly.entity_id   1
_entity_poly.type   'polypeptide(L)'
_entity_poly.pdbx_seq_one_letter_code
;HMFDVVVIGGGISGLSAAKLLTEYGVSVLVLEARDRVGGRTYTIRNEHVDYVDVGGAYVGPTQNRILRLSKELGIETYKV
NVSERLVQYVKGKTYPFRAAFPPVWNPIAYLDYNNLWRTIDNMGKEIPTDAPWEAQHADKWDKMTMKELIDKICWTKTAR
RFAYLFVNINVTSEPHEVSALWFLWYVKQCGGTTRIFSVTNGGQERKFVGGSGQVSERIMDLLGDQVKLNHPVTHVDQSS
DNIIIETLNHEHYECKYVINAIPPTLTAKIHFRPELPAERNQLIQRLPMGAVIKCMMYYKEAFWKKKDYCGCMIIEDEDA
PISITLDDTKPDGSLPAIMGFILARKADRLAKLHKEIRKKKICELYAKVLGSQEALHPVHYEEKNWCEEQYSGGCYTAYF
PPGIMTQYGRVIRQPVGRIFFAGTETATKWSGYMEGAVEAGERAAREVLNGLGKVTEKDIWVQEPESKDVPAVEITHTFW
ERNLPSVSGLLKIIGFSTSVTALGFVLYKYKLL
;
_entity_poly.pdbx_strand_id   A
#
loop_
_chem_comp.id
_chem_comp.type
_chem_comp.name
_chem_comp.formula
DCX non-polymer 'DECYL(DIMETHYL)PHOSPHINE OXIDE' 'C12 H27 O P'
FAD non-polymer 'FLAVIN-ADENINE DINUCLEOTIDE' 'C27 H33 N9 O15 P2'
HRM non-polymer 7-METHOXY-1-METHYL-9H-BETA-CARBOLINE 'C13 H12 N2 O'
#
# COMPACT_ATOMS: atom_id res chain seq x y z
N HIS A 1 -6.88 5.03 36.35
CA HIS A 1 -5.97 5.32 35.19
C HIS A 1 -4.78 4.33 35.02
N MET A 2 -4.87 3.14 35.65
CA MET A 2 -3.82 2.09 35.58
C MET A 2 -4.21 0.91 34.67
N PHE A 3 -3.29 0.45 33.80
CA PHE A 3 -3.58 -0.63 32.85
C PHE A 3 -2.39 -1.58 32.61
N ASP A 4 -2.66 -2.78 32.11
CA ASP A 4 -1.58 -3.64 31.68
C ASP A 4 -0.92 -2.96 30.51
N VAL A 5 -1.70 -2.66 29.48
CA VAL A 5 -1.18 -2.16 28.22
C VAL A 5 -1.85 -0.82 27.88
N VAL A 6 -1.07 0.14 27.38
CA VAL A 6 -1.64 1.28 26.64
C VAL A 6 -1.21 1.15 25.17
N VAL A 7 -2.21 1.23 24.28
CA VAL A 7 -1.95 1.24 22.85
C VAL A 7 -2.11 2.71 22.42
N ILE A 8 -1.03 3.21 21.83
CA ILE A 8 -0.98 4.48 21.23
C ILE A 8 -1.46 4.38 19.79
N GLY A 9 -2.63 4.97 19.56
CA GLY A 9 -3.26 5.02 18.23
C GLY A 9 -4.32 3.98 18.00
N GLY A 10 -5.47 4.45 17.54
CA GLY A 10 -6.62 3.58 17.27
C GLY A 10 -6.90 3.45 15.79
N GLY A 11 -5.86 3.22 14.99
CA GLY A 11 -6.05 2.74 13.62
C GLY A 11 -6.33 1.25 13.68
N ILE A 12 -6.43 0.64 12.51
CA ILE A 12 -6.56 -0.82 12.46
C ILE A 12 -5.44 -1.55 13.24
N SER A 13 -4.19 -1.08 13.16
CA SER A 13 -3.15 -1.83 13.85
C SER A 13 -3.43 -1.78 15.34
N GLY A 14 -3.76 -0.59 15.85
CA GLY A 14 -3.90 -0.40 17.27
C GLY A 14 -5.07 -1.18 17.81
N LEU A 15 -6.18 -1.10 17.09
CA LEU A 15 -7.38 -1.74 17.53
C LEU A 15 -7.22 -3.23 17.44
N SER A 16 -6.66 -3.77 16.37
CA SER A 16 -6.29 -5.20 16.41
C SER A 16 -5.47 -5.64 17.62
N ALA A 17 -4.49 -4.85 18.05
CA ALA A 17 -3.62 -5.24 19.18
C ALA A 17 -4.52 -5.27 20.41
N ALA A 18 -5.34 -4.22 20.56
CA ALA A 18 -6.23 -4.09 21.69
C ALA A 18 -7.33 -5.16 21.75
N LYS A 19 -7.88 -5.49 20.59
CA LYS A 19 -8.87 -6.48 20.52
C LYS A 19 -8.24 -7.80 20.94
N LEU A 20 -7.08 -8.16 20.39
CA LEU A 20 -6.43 -9.42 20.79
C LEU A 20 -6.07 -9.42 22.29
N LEU A 21 -5.52 -8.34 22.82
CA LEU A 21 -5.11 -8.36 24.25
C LEU A 21 -6.31 -8.57 25.10
N THR A 22 -7.40 -7.88 24.75
CA THR A 22 -8.67 -7.95 25.48
C THR A 22 -9.15 -9.38 25.50
N GLU A 23 -8.93 -10.10 24.42
CA GLU A 23 -9.36 -11.46 24.40
C GLU A 23 -8.69 -12.36 25.44
N TYR A 24 -7.55 -11.92 25.92
CA TYR A 24 -6.74 -12.68 26.82
C TYR A 24 -6.94 -12.21 28.24
N GLY A 25 -7.89 -11.30 28.45
CA GLY A 25 -8.14 -10.76 29.78
C GLY A 25 -7.17 -9.70 30.25
N VAL A 26 -6.55 -9.02 29.30
CA VAL A 26 -5.54 -8.04 29.65
C VAL A 26 -6.22 -6.72 29.52
N SER A 27 -6.01 -5.85 30.53
CA SER A 27 -6.54 -4.51 30.50
C SER A 27 -5.71 -3.66 29.54
N VAL A 28 -6.41 -2.97 28.67
CA VAL A 28 -5.76 -2.20 27.64
C VAL A 28 -6.49 -0.88 27.54
N LEU A 29 -5.72 0.15 27.33
CA LEU A 29 -6.27 1.42 27.00
C LEU A 29 -5.78 1.78 25.61
N VAL A 30 -6.70 2.02 24.67
CA VAL A 30 -6.35 2.63 23.41
C VAL A 30 -6.46 4.15 23.55
N LEU A 31 -5.37 4.85 23.25
CA LEU A 31 -5.37 6.31 23.21
C LEU A 31 -5.28 6.76 21.76
N GLU A 32 -6.29 7.49 21.31
CA GLU A 32 -6.44 7.76 19.90
C GLU A 32 -6.51 9.24 19.77
N ALA A 33 -5.70 9.79 18.86
CA ALA A 33 -5.51 11.23 18.73
C ALA A 33 -6.71 12.03 18.19
N ARG A 34 -7.38 11.48 17.19
CA ARG A 34 -8.51 12.09 16.52
C ARG A 34 -9.76 11.84 17.30
N ASP A 35 -10.82 12.49 16.83
CA ASP A 35 -12.21 12.34 17.21
C ASP A 35 -12.89 11.12 16.57
N ARG A 36 -12.10 10.15 16.13
CA ARG A 36 -12.59 8.94 15.48
C ARG A 36 -11.45 7.96 15.44
N VAL A 37 -11.84 6.70 15.36
CA VAL A 37 -10.90 5.60 15.04
C VAL A 37 -10.82 5.34 13.58
N GLY A 38 -9.84 4.54 13.22
CA GLY A 38 -9.69 4.05 11.88
C GLY A 38 -8.47 4.57 11.18
N GLY A 39 -7.95 5.72 11.60
CA GLY A 39 -6.68 6.24 11.07
C GLY A 39 -6.66 6.55 9.59
N ARG A 40 -5.90 5.79 8.79
CA ARG A 40 -5.82 6.03 7.35
C ARG A 40 -6.96 5.33 6.59
N THR A 41 -7.83 4.64 7.33
CA THR A 41 -9.10 4.26 6.78
C THR A 41 -10.10 5.20 7.42
N TYR A 42 -10.99 5.74 6.59
CA TYR A 42 -12.02 6.65 6.98
C TYR A 42 -13.18 6.54 6.01
N THR A 43 -14.33 6.13 6.54
CA THR A 43 -15.56 5.97 5.78
C THR A 43 -16.44 7.14 6.16
N ILE A 44 -16.63 8.01 5.20
CA ILE A 44 -17.43 9.19 5.37
C ILE A 44 -18.88 8.81 5.04
N ARG A 45 -19.80 9.29 5.87
CA ARG A 45 -21.24 9.04 5.65
C ARG A 45 -22.00 10.34 5.50
N ASN A 46 -22.62 10.47 4.32
CA ASN A 46 -23.61 11.52 4.08
C ASN A 46 -24.62 11.06 3.06
N GLU A 47 -25.54 11.95 2.73
CA GLU A 47 -26.72 11.62 1.92
C GLU A 47 -26.31 11.53 0.46
N HIS A 48 -25.33 12.34 0.07
CA HIS A 48 -24.88 12.30 -1.32
C HIS A 48 -24.09 11.05 -1.70
N VAL A 49 -23.57 10.31 -0.71
CA VAL A 49 -22.64 9.23 -1.00
C VAL A 49 -23.14 7.95 -0.41
N ASP A 50 -24.04 8.09 0.56
CA ASP A 50 -24.41 7.01 1.46
C ASP A 50 -23.23 6.70 2.37
N TYR A 51 -22.25 5.98 1.84
CA TYR A 51 -20.97 5.83 2.50
C TYR A 51 -19.86 5.83 1.46
N VAL A 52 -18.66 6.21 1.85
CA VAL A 52 -17.54 6.14 0.96
C VAL A 52 -16.23 6.07 1.79
N ASP A 53 -15.33 5.15 1.41
CA ASP A 53 -13.98 5.18 1.90
C ASP A 53 -13.17 6.31 1.28
N VAL A 54 -12.70 7.23 2.11
CA VAL A 54 -11.75 8.28 1.67
C VAL A 54 -10.30 7.90 2.04
N GLY A 55 -10.17 6.77 2.72
CA GLY A 55 -8.87 6.23 3.10
C GLY A 55 -8.78 4.87 2.45
N GLY A 56 -8.06 3.98 3.11
CA GLY A 56 -7.94 2.62 2.61
C GLY A 56 -9.29 2.00 2.41
N ALA A 57 -9.41 1.23 1.33
CA ALA A 57 -10.65 0.57 0.98
C ALA A 57 -10.53 -0.87 0.45
N TYR A 58 -9.48 -1.19 -0.30
CA TYR A 58 -9.41 -2.47 -1.08
C TYR A 58 -8.78 -3.58 -0.32
N VAL A 59 -9.34 -4.77 -0.51
CA VAL A 59 -8.73 -5.97 0.03
C VAL A 59 -8.71 -7.04 -1.05
N GLY A 60 -7.85 -8.05 -0.91
CA GLY A 60 -7.86 -9.10 -1.87
C GLY A 60 -7.34 -10.40 -1.35
N PRO A 61 -7.29 -11.42 -2.22
CA PRO A 61 -6.67 -12.71 -1.86
C PRO A 61 -5.29 -12.50 -1.32
N THR A 62 -4.93 -13.42 -0.42
CA THR A 62 -3.72 -13.47 0.45
C THR A 62 -3.70 -12.54 1.64
N GLN A 63 -4.70 -11.66 1.74
CA GLN A 63 -4.80 -10.70 2.85
C GLN A 63 -5.72 -11.31 3.89
N ASN A 64 -5.26 -12.44 4.43
CA ASN A 64 -6.17 -13.35 5.12
C ASN A 64 -6.60 -12.80 6.48
N ARG A 65 -5.74 -11.97 7.06
CA ARG A 65 -5.95 -11.39 8.37
C ARG A 65 -7.04 -10.35 8.32
N ILE A 66 -6.95 -9.42 7.38
CA ILE A 66 -7.93 -8.34 7.33
C ILE A 66 -9.23 -8.98 6.92
N LEU A 67 -9.17 -10.02 6.07
CA LEU A 67 -10.35 -10.81 5.75
C LEU A 67 -11.02 -11.50 6.95
N ARG A 68 -10.22 -12.16 7.80
CA ARG A 68 -10.70 -12.88 8.96
C ARG A 68 -11.18 -11.87 9.96
N LEU A 69 -10.48 -10.77 10.19
CA LEU A 69 -10.93 -9.74 11.14
C LEU A 69 -12.19 -9.06 10.60
N SER A 70 -12.19 -8.73 9.32
CA SER A 70 -13.40 -8.16 8.72
C SER A 70 -14.66 -9.00 8.92
N LYS A 71 -14.49 -10.26 8.57
CA LYS A 71 -15.62 -11.14 8.65
C LYS A 71 -16.27 -11.35 10.03
N GLU A 72 -15.36 -11.58 10.98
CA GLU A 72 -15.77 -11.85 12.32
C GLU A 72 -16.33 -10.61 12.97
N LEU A 73 -16.21 -9.50 12.30
CA LEU A 73 -16.83 -8.30 12.82
C LEU A 73 -18.10 -8.06 12.05
N GLY A 74 -18.49 -9.07 11.26
CA GLY A 74 -19.72 -9.01 10.48
C GLY A 74 -19.64 -8.15 9.23
N ILE A 75 -18.47 -8.06 8.61
CA ILE A 75 -18.31 -7.16 7.45
C ILE A 75 -18.08 -7.95 6.19
N GLU A 76 -18.80 -7.60 5.14
CA GLU A 76 -18.67 -8.40 3.94
C GLU A 76 -18.04 -7.61 2.81
N THR A 77 -17.49 -8.33 1.85
CA THR A 77 -16.71 -7.72 0.78
C THR A 77 -17.51 -7.85 -0.46
N TYR A 78 -17.25 -6.97 -1.44
CA TYR A 78 -17.86 -7.16 -2.72
C TYR A 78 -16.76 -6.85 -3.77
N LYS A 79 -16.93 -7.29 -5.00
CA LYS A 79 -15.89 -7.15 -5.99
C LYS A 79 -15.89 -5.83 -6.68
N VAL A 80 -14.70 -5.24 -6.75
CA VAL A 80 -14.45 -4.07 -7.58
C VAL A 80 -14.88 -4.42 -9.00
N ASN A 81 -15.60 -3.49 -9.65
CA ASN A 81 -16.01 -3.68 -11.05
C ASN A 81 -14.88 -3.66 -12.10
N VAL A 82 -14.73 -4.80 -12.76
CA VAL A 82 -13.83 -4.97 -13.91
C VAL A 82 -14.53 -5.82 -14.96
N SER A 83 -15.85 -5.69 -15.06
CA SER A 83 -16.58 -6.49 -16.01
C SER A 83 -16.30 -5.98 -17.42
N GLU A 84 -16.23 -4.66 -17.56
CA GLU A 84 -15.93 -4.03 -18.84
C GLU A 84 -14.41 -3.83 -19.04
N ARG A 85 -14.05 -2.93 -19.95
CA ARG A 85 -12.65 -2.78 -20.34
C ARG A 85 -11.94 -1.76 -19.47
N LEU A 86 -10.74 -2.16 -19.03
CA LEU A 86 -9.80 -1.25 -18.43
C LEU A 86 -9.25 -0.42 -19.56
N VAL A 87 -8.80 0.80 -19.28
CA VAL A 87 -8.16 1.63 -20.30
C VAL A 87 -6.85 2.21 -19.81
N GLN A 88 -5.93 2.39 -20.73
CA GLN A 88 -4.71 3.11 -20.46
C GLN A 88 -4.71 4.37 -21.31
N TYR A 89 -4.39 5.49 -20.68
CA TYR A 89 -4.32 6.73 -21.38
C TYR A 89 -2.85 7.14 -21.43
N VAL A 90 -2.23 7.05 -22.61
CA VAL A 90 -0.87 7.58 -22.84
C VAL A 90 -0.85 8.42 -24.11
N LYS A 91 -0.03 9.48 -24.09
CA LYS A 91 0.22 10.36 -25.23
C LYS A 91 -1.09 10.78 -25.88
N GLY A 92 -2.01 11.24 -25.04
CA GLY A 92 -3.32 11.71 -25.45
C GLY A 92 -4.24 10.65 -26.00
N LYS A 93 -3.88 9.39 -25.88
CA LYS A 93 -4.71 8.34 -26.46
C LYS A 93 -5.26 7.35 -25.43
N THR A 94 -6.52 6.96 -25.62
CA THR A 94 -7.17 6.02 -24.77
C THR A 94 -6.97 4.62 -25.36
N TYR A 95 -6.47 3.67 -24.57
CA TYR A 95 -6.26 2.29 -25.02
C TYR A 95 -6.92 1.25 -24.14
N PRO A 96 -8.17 0.87 -24.45
CA PRO A 96 -8.87 -0.22 -23.73
C PRO A 96 -8.11 -1.52 -23.83
N PHE A 97 -8.18 -2.31 -22.76
CA PHE A 97 -7.55 -3.59 -22.66
C PHE A 97 -8.27 -4.39 -21.59
N ARG A 98 -7.88 -5.66 -21.42
CA ARG A 98 -8.58 -6.57 -20.53
C ARG A 98 -7.70 -7.24 -19.46
N ALA A 99 -6.39 -7.29 -19.67
CA ALA A 99 -5.44 -7.87 -18.70
C ALA A 99 -5.22 -7.02 -17.40
N ALA A 100 -4.33 -7.49 -16.53
CA ALA A 100 -3.94 -6.66 -15.37
C ALA A 100 -2.98 -5.53 -15.80
N PHE A 101 -2.29 -5.75 -16.92
CA PHE A 101 -1.32 -4.80 -17.35
C PHE A 101 -1.62 -4.43 -18.77
N PRO A 102 -1.56 -3.13 -19.09
CA PRO A 102 -1.76 -2.63 -20.43
C PRO A 102 -0.88 -3.39 -21.42
N PRO A 103 -1.46 -3.84 -22.56
CA PRO A 103 -0.77 -4.70 -23.51
C PRO A 103 0.24 -3.89 -24.25
N VAL A 104 1.38 -4.49 -24.52
CA VAL A 104 2.43 -3.78 -25.21
C VAL A 104 2.64 -4.48 -26.55
N TRP A 105 2.39 -3.78 -27.65
CA TRP A 105 2.43 -4.42 -28.99
C TRP A 105 3.75 -4.29 -29.74
N ASN A 106 4.58 -3.34 -29.35
CA ASN A 106 5.89 -3.25 -29.91
C ASN A 106 6.70 -4.47 -29.44
N PRO A 107 7.23 -5.26 -30.39
CA PRO A 107 7.86 -6.49 -29.89
C PRO A 107 9.02 -6.21 -28.96
N ILE A 108 9.77 -5.13 -29.21
CA ILE A 108 10.93 -4.82 -28.39
C ILE A 108 10.47 -4.26 -27.03
N ALA A 109 9.51 -3.36 -27.08
CA ALA A 109 8.99 -2.82 -25.86
C ALA A 109 8.40 -4.01 -25.10
N TYR A 110 7.64 -4.88 -25.77
CA TYR A 110 7.10 -6.11 -25.15
C TYR A 110 8.15 -6.82 -24.35
N LEU A 111 9.28 -7.14 -24.97
CA LEU A 111 10.33 -7.83 -24.23
C LEU A 111 10.74 -6.99 -23.03
N ASP A 112 10.88 -5.70 -23.25
CA ASP A 112 11.35 -4.82 -22.20
C ASP A 112 10.43 -4.90 -20.97
N TYR A 113 9.15 -4.73 -21.23
CA TYR A 113 8.08 -4.71 -20.24
C TYR A 113 8.00 -6.10 -19.59
N ASN A 114 7.97 -7.16 -20.37
CA ASN A 114 8.06 -8.47 -19.78
C ASN A 114 9.27 -8.61 -18.80
N ASN A 115 10.44 -8.15 -19.23
CA ASN A 115 11.60 -8.44 -18.46
C ASN A 115 11.63 -7.58 -17.21
N LEU A 116 10.87 -6.49 -17.24
CA LEU A 116 10.84 -5.56 -16.15
C LEU A 116 10.12 -6.18 -14.95
N TRP A 117 8.85 -6.55 -15.15
CA TRP A 117 8.09 -7.26 -14.10
C TRP A 117 8.77 -8.58 -13.63
N ARG A 118 9.30 -9.36 -14.56
CA ARG A 118 10.03 -10.60 -14.21
C ARG A 118 11.23 -10.32 -13.29
N THR A 119 11.98 -9.27 -13.61
CA THR A 119 13.21 -8.88 -12.89
C THR A 119 12.91 -8.33 -11.49
N ILE A 120 11.90 -7.47 -11.41
CA ILE A 120 11.39 -7.02 -10.15
C ILE A 120 11.06 -8.23 -9.29
N ASP A 121 10.28 -9.16 -9.84
CA ASP A 121 9.91 -10.32 -9.03
C ASP A 121 11.14 -11.16 -8.70
N ASN A 122 12.03 -11.32 -9.69
CA ASN A 122 13.20 -12.14 -9.49
C ASN A 122 14.13 -11.54 -8.48
N MET A 123 14.25 -10.22 -8.54
CA MET A 123 15.17 -9.58 -7.64
C MET A 123 14.63 -9.67 -6.22
N GLY A 124 13.30 -9.72 -6.10
CA GLY A 124 12.58 -9.85 -4.84
C GLY A 124 12.87 -11.15 -4.14
N LYS A 125 12.85 -12.24 -4.90
CA LYS A 125 13.28 -13.55 -4.45
C LYS A 125 14.47 -13.61 -3.49
N GLU A 126 15.58 -13.01 -3.91
CA GLU A 126 16.77 -12.70 -3.11
C GLU A 126 16.55 -12.11 -1.69
N ILE A 127 15.44 -11.36 -1.51
CA ILE A 127 15.27 -10.49 -0.34
C ILE A 127 14.49 -11.19 0.71
N PRO A 128 15.06 -11.28 1.92
CA PRO A 128 14.37 -11.87 3.06
C PRO A 128 13.21 -11.01 3.54
N THR A 129 12.05 -11.62 3.59
CA THR A 129 10.81 -10.92 3.90
C THR A 129 10.86 -10.14 5.22
N ASP A 130 11.38 -10.79 6.27
CA ASP A 130 11.48 -10.29 7.62
C ASP A 130 12.72 -9.42 7.79
N ALA A 131 13.67 -9.53 6.88
CA ALA A 131 14.95 -8.89 7.12
C ALA A 131 15.59 -8.46 5.82
N PRO A 132 14.93 -7.52 5.12
CA PRO A 132 15.41 -7.16 3.80
C PRO A 132 16.88 -6.67 3.76
N TRP A 133 17.38 -6.11 4.85
CA TRP A 133 18.73 -5.52 4.94
C TRP A 133 19.80 -6.64 4.93
N GLU A 134 19.36 -7.86 5.15
CA GLU A 134 20.21 -9.05 5.13
C GLU A 134 20.33 -9.57 3.72
N ALA A 135 19.62 -8.98 2.76
CA ALA A 135 19.71 -9.49 1.39
C ALA A 135 21.15 -9.54 0.96
N GLN A 136 21.51 -10.60 0.25
CA GLN A 136 22.81 -10.68 -0.39
C GLN A 136 23.28 -9.33 -1.02
N HIS A 137 22.47 -8.72 -1.88
CA HIS A 137 22.90 -7.43 -2.44
C HIS A 137 22.42 -6.14 -1.71
N ALA A 138 21.98 -6.27 -0.48
CA ALA A 138 21.27 -5.21 0.19
C ALA A 138 21.93 -3.84 0.13
N ASP A 139 23.23 -3.75 0.39
CA ASP A 139 23.86 -2.44 0.48
C ASP A 139 23.84 -1.80 -0.89
N LYS A 140 24.26 -2.57 -1.91
CA LYS A 140 24.24 -2.14 -3.32
C LYS A 140 22.87 -1.61 -3.70
N TRP A 141 21.86 -2.49 -3.56
CA TRP A 141 20.48 -2.14 -3.89
C TRP A 141 19.89 -1.02 -3.05
N ASP A 142 20.19 -0.95 -1.78
CA ASP A 142 19.62 0.07 -0.92
C ASP A 142 20.20 1.43 -1.22
N LYS A 143 21.37 1.46 -1.89
CA LYS A 143 22.00 2.73 -2.30
C LYS A 143 21.34 3.24 -3.56
N MET A 144 20.83 2.37 -4.40
CA MET A 144 20.12 2.90 -5.56
C MET A 144 18.68 3.31 -5.38
N THR A 145 18.27 4.33 -6.13
CA THR A 145 16.86 4.70 -6.19
C THR A 145 16.15 3.80 -7.18
N MET A 146 14.84 3.76 -7.11
CA MET A 146 14.08 2.90 -7.99
C MET A 146 14.13 3.41 -9.42
N LYS A 147 14.37 4.72 -9.56
CA LYS A 147 14.61 5.31 -10.89
C LYS A 147 15.85 4.76 -11.58
N GLU A 148 16.92 4.64 -10.80
CA GLU A 148 18.16 4.04 -11.23
C GLU A 148 18.01 2.58 -11.57
N LEU A 149 17.23 1.80 -10.81
CA LEU A 149 17.03 0.42 -11.18
C LEU A 149 16.22 0.34 -12.45
N ILE A 150 15.18 1.15 -12.54
CA ILE A 150 14.27 1.16 -13.69
C ILE A 150 15.06 1.46 -14.94
N ASP A 151 15.84 2.52 -14.86
CA ASP A 151 16.62 3.00 -16.01
C ASP A 151 17.71 2.01 -16.36
N LYS A 152 18.15 1.21 -15.39
CA LYS A 152 19.15 0.19 -15.61
C LYS A 152 18.51 -1.00 -16.29
N ILE A 153 17.30 -1.40 -15.90
CA ILE A 153 16.73 -2.59 -16.53
C ILE A 153 15.86 -2.35 -17.75
N CYS A 154 15.32 -1.15 -17.91
CA CYS A 154 14.49 -0.88 -19.08
C CYS A 154 15.26 -0.14 -20.18
N TRP A 155 15.34 -0.71 -21.39
CA TRP A 155 15.85 0.05 -22.56
C TRP A 155 14.80 0.99 -23.13
N THR A 156 13.55 0.59 -23.17
CA THR A 156 12.56 1.45 -23.77
C THR A 156 12.05 2.54 -22.84
N LYS A 157 11.69 3.68 -23.44
CA LYS A 157 11.05 4.79 -22.74
C LYS A 157 9.62 4.40 -22.29
N THR A 158 8.93 3.56 -23.05
CA THR A 158 7.58 3.12 -22.67
C THR A 158 7.55 2.44 -21.29
N ALA A 159 8.43 1.44 -21.14
CA ALA A 159 8.56 0.61 -19.97
C ALA A 159 9.08 1.36 -18.76
N ARG A 160 10.05 2.23 -18.94
CA ARG A 160 10.43 3.18 -17.86
C ARG A 160 9.29 4.10 -17.42
N ARG A 161 8.55 4.69 -18.35
CA ARG A 161 7.42 5.54 -17.93
C ARG A 161 6.39 4.72 -17.18
N PHE A 162 6.10 3.52 -17.65
CA PHE A 162 5.18 2.67 -16.94
C PHE A 162 5.72 2.30 -15.56
N ALA A 163 6.98 1.87 -15.51
CA ALA A 163 7.58 1.54 -14.25
C ALA A 163 7.45 2.72 -13.25
N TYR A 164 7.83 3.93 -13.64
CA TYR A 164 7.75 5.09 -12.76
C TYR A 164 6.35 5.23 -12.17
N LEU A 165 5.37 5.17 -13.07
CA LEU A 165 3.96 5.14 -12.75
C LEU A 165 3.61 4.05 -11.74
N PHE A 166 3.99 2.80 -12.04
CA PHE A 166 3.86 1.65 -11.16
C PHE A 166 4.42 1.96 -9.77
N VAL A 167 5.59 2.59 -9.72
CA VAL A 167 6.11 3.03 -8.46
C VAL A 167 5.13 4.01 -7.83
N ASN A 168 4.71 5.06 -8.57
CA ASN A 168 3.75 6.06 -8.03
C ASN A 168 2.50 5.42 -7.42
N ILE A 169 1.98 4.42 -8.13
CA ILE A 169 0.70 3.84 -7.80
C ILE A 169 0.79 3.01 -6.52
N ASN A 170 1.93 2.37 -6.30
CA ASN A 170 2.13 1.43 -5.21
C ASN A 170 2.70 2.04 -3.96
N VAL A 171 3.48 3.11 -4.07
CA VAL A 171 4.09 3.63 -2.83
C VAL A 171 3.98 5.14 -2.72
N THR A 172 3.24 5.70 -3.69
CA THR A 172 2.78 7.08 -3.72
C THR A 172 3.88 8.07 -3.54
N SER A 173 4.97 7.75 -4.22
CA SER A 173 6.10 8.62 -4.31
C SER A 173 6.80 8.32 -5.61
N GLU A 174 7.78 9.18 -5.89
CA GLU A 174 8.54 9.19 -7.13
C GLU A 174 9.65 8.18 -7.03
N PRO A 175 9.90 7.47 -8.12
CA PRO A 175 11.00 6.52 -8.18
C PRO A 175 12.30 7.05 -7.63
N HIS A 176 12.64 8.32 -7.89
CA HIS A 176 13.90 8.91 -7.43
C HIS A 176 13.95 9.09 -5.89
N GLU A 177 12.84 8.86 -5.21
CA GLU A 177 12.74 9.12 -3.78
C GLU A 177 12.95 7.90 -2.92
N VAL A 178 12.75 6.73 -3.53
CA VAL A 178 12.60 5.51 -2.74
C VAL A 178 13.75 4.59 -3.05
N SER A 179 14.17 3.87 -2.02
CA SER A 179 15.21 2.85 -2.17
C SER A 179 14.71 1.70 -3.02
N ALA A 180 15.53 1.30 -4.02
CA ALA A 180 15.28 0.11 -4.83
C ALA A 180 15.19 -1.19 -4.01
N LEU A 181 16.07 -1.34 -3.01
CA LEU A 181 16.01 -2.44 -2.06
C LEU A 181 14.66 -2.48 -1.35
N TRP A 182 14.28 -1.38 -0.70
CA TRP A 182 12.96 -1.31 -0.06
C TRP A 182 11.79 -1.59 -1.03
N PHE A 183 11.83 -1.02 -2.21
CA PHE A 183 10.76 -1.26 -3.15
C PHE A 183 10.69 -2.72 -3.64
N LEU A 184 11.83 -3.34 -3.96
CA LEU A 184 11.77 -4.74 -4.36
C LEU A 184 11.10 -5.59 -3.23
N TRP A 185 11.49 -5.34 -2.00
CA TRP A 185 10.95 -6.00 -0.85
C TRP A 185 9.48 -5.69 -0.75
N TYR A 186 9.14 -4.38 -0.74
CA TYR A 186 7.73 -3.97 -0.71
C TYR A 186 6.92 -4.72 -1.72
N VAL A 187 7.39 -4.81 -2.96
CA VAL A 187 6.61 -5.56 -3.89
C VAL A 187 6.61 -7.08 -3.57
N LYS A 188 7.76 -7.63 -3.16
CA LYS A 188 7.82 -9.08 -2.85
C LYS A 188 6.82 -9.45 -1.74
N GLN A 189 6.75 -8.59 -0.72
CA GLN A 189 5.93 -8.84 0.47
C GLN A 189 4.42 -8.60 0.26
N CYS A 190 4.07 -8.12 -0.93
CA CYS A 190 2.70 -8.11 -1.30
C CYS A 190 2.42 -9.21 -2.28
N GLY A 191 3.34 -10.14 -2.47
CA GLY A 191 3.04 -11.23 -3.40
C GLY A 191 3.60 -11.13 -4.81
N GLY A 192 4.39 -10.12 -5.06
CA GLY A 192 4.91 -9.93 -6.42
C GLY A 192 4.07 -8.92 -7.22
N THR A 193 4.57 -8.59 -8.42
CA THR A 193 4.01 -7.60 -9.35
C THR A 193 2.57 -7.81 -9.82
N THR A 194 2.23 -9.05 -10.16
CA THR A 194 0.87 -9.33 -10.61
C THR A 194 -0.06 -9.18 -9.42
N ARG A 195 0.23 -9.87 -8.32
CA ARG A 195 -0.59 -9.73 -7.14
C ARG A 195 -0.83 -8.30 -6.66
N ILE A 196 0.19 -7.47 -6.65
CA ILE A 196 0.07 -6.14 -6.05
C ILE A 196 -0.77 -5.22 -6.97
N PHE A 197 -0.68 -5.47 -8.27
CA PHE A 197 -1.17 -4.54 -9.25
C PHE A 197 -2.55 -4.90 -9.75
N SER A 198 -2.97 -6.17 -9.59
CA SER A 198 -4.25 -6.66 -10.10
C SER A 198 -5.46 -6.31 -9.26
N VAL A 199 -6.61 -6.36 -9.91
CA VAL A 199 -7.89 -6.25 -9.27
C VAL A 199 -8.31 -7.70 -9.05
N THR A 200 -8.70 -8.38 -10.12
CA THR A 200 -8.99 -9.81 -10.00
C THR A 200 -7.76 -10.53 -9.50
N ASN A 201 -7.94 -11.26 -8.42
CA ASN A 201 -6.85 -12.05 -7.86
C ASN A 201 -5.70 -11.20 -7.29
N GLY A 202 -5.91 -9.91 -7.11
CA GLY A 202 -4.89 -9.03 -6.58
C GLY A 202 -5.38 -8.17 -5.44
N GLY A 203 -4.60 -7.16 -5.12
CA GLY A 203 -4.86 -6.38 -3.95
C GLY A 203 -6.05 -5.48 -4.05
N GLN A 204 -6.46 -5.18 -5.29
CA GLN A 204 -7.63 -4.32 -5.51
C GLN A 204 -8.90 -5.12 -5.78
N GLU A 205 -8.87 -6.44 -5.60
CA GLU A 205 -10.07 -7.27 -5.89
C GLU A 205 -11.37 -6.80 -5.30
N ARG A 206 -11.30 -6.37 -4.06
CA ARG A 206 -12.52 -6.18 -3.28
C ARG A 206 -12.57 -4.93 -2.44
N LYS A 207 -13.79 -4.59 -2.07
CA LYS A 207 -14.06 -3.52 -1.14
C LYS A 207 -14.94 -4.12 -0.04
N PHE A 208 -15.12 -3.37 1.05
CA PHE A 208 -16.06 -3.75 2.11
C PHE A 208 -17.41 -3.07 1.95
N VAL A 209 -18.48 -3.87 2.09
CA VAL A 209 -19.82 -3.37 2.04
C VAL A 209 -19.95 -2.48 3.27
N GLY A 210 -20.27 -1.21 3.07
CA GLY A 210 -20.46 -0.30 4.17
C GLY A 210 -19.19 0.39 4.56
N GLY A 211 -18.08 -0.01 3.92
CA GLY A 211 -16.76 0.68 4.11
C GLY A 211 -15.84 0.02 5.11
N SER A 212 -14.57 0.33 4.96
CA SER A 212 -13.50 -0.25 5.76
C SER A 212 -13.37 0.42 7.12
N GLY A 213 -13.97 1.59 7.27
CA GLY A 213 -13.95 2.32 8.51
C GLY A 213 -14.68 1.48 9.55
N GLN A 214 -15.62 0.64 9.09
CA GLN A 214 -16.41 -0.19 10.00
C GLN A 214 -15.51 -1.18 10.70
N VAL A 215 -14.36 -1.53 10.13
CA VAL A 215 -13.47 -2.47 10.81
C VAL A 215 -13.10 -1.89 12.14
N SER A 216 -12.66 -0.63 12.15
CA SER A 216 -12.20 -0.02 13.38
C SER A 216 -13.35 0.40 14.30
N GLU A 217 -14.42 0.92 13.69
CA GLU A 217 -15.62 1.40 14.38
C GLU A 217 -16.17 0.28 15.31
N ARG A 218 -16.20 -0.95 14.80
CA ARG A 218 -16.80 -2.05 15.52
C ARG A 218 -15.82 -2.68 16.54
N ILE A 219 -14.52 -2.60 16.31
CA ILE A 219 -13.59 -3.07 17.35
C ILE A 219 -13.70 -2.04 18.46
N MET A 220 -13.89 -0.79 18.09
CA MET A 220 -14.05 0.19 19.14
C MET A 220 -15.32 -0.08 19.93
N ASP A 221 -16.32 -0.63 19.24
CA ASP A 221 -17.60 -0.96 19.87
C ASP A 221 -17.37 -2.03 20.92
N LEU A 222 -16.67 -3.09 20.52
CA LEU A 222 -16.25 -4.13 21.45
C LEU A 222 -15.45 -3.58 22.61
N LEU A 223 -14.72 -2.51 22.39
CA LEU A 223 -13.76 -2.09 23.42
C LEU A 223 -14.40 -1.15 24.40
N GLY A 224 -15.51 -0.56 24.00
CA GLY A 224 -16.23 0.39 24.82
C GLY A 224 -15.37 1.53 25.27
N ASP A 225 -15.24 1.65 26.58
CA ASP A 225 -14.59 2.82 27.15
C ASP A 225 -13.09 2.58 27.40
N GLN A 226 -12.61 1.46 26.87
CA GLN A 226 -11.18 1.22 26.82
C GLN A 226 -10.52 1.89 25.56
N VAL A 227 -11.32 2.63 24.78
CA VAL A 227 -10.81 3.47 23.72
C VAL A 227 -11.16 4.92 24.04
N LYS A 228 -10.15 5.80 23.98
CA LYS A 228 -10.34 7.21 24.27
C LYS A 228 -9.95 8.04 23.06
N LEU A 229 -10.95 8.72 22.50
CA LEU A 229 -10.74 9.63 21.38
C LEU A 229 -10.15 10.94 21.88
N ASN A 230 -9.69 11.74 20.94
CA ASN A 230 -9.09 13.02 21.27
C ASN A 230 -8.02 12.91 22.35
N HIS A 231 -7.20 11.87 22.33
CA HIS A 231 -6.09 11.75 23.28
C HIS A 231 -4.75 11.53 22.60
N PRO A 232 -4.24 12.56 21.94
CA PRO A 232 -2.95 12.38 21.27
C PRO A 232 -1.87 12.21 22.28
N VAL A 233 -1.12 11.12 22.19
CA VAL A 233 -0.02 10.85 23.12
C VAL A 233 1.21 11.68 22.78
N THR A 234 1.86 12.24 23.80
CA THR A 234 2.99 13.15 23.60
C THR A 234 4.20 12.69 24.36
N HIS A 235 3.98 11.94 25.43
CA HIS A 235 5.12 11.52 26.26
C HIS A 235 4.95 10.08 26.66
N VAL A 236 6.06 9.35 26.64
CA VAL A 236 6.09 7.98 27.07
C VAL A 236 7.33 7.76 27.94
N ASP A 237 7.12 7.43 29.21
CA ASP A 237 8.22 7.39 30.17
C ASP A 237 8.25 6.05 30.83
N GLN A 238 9.26 5.23 30.46
CA GLN A 238 9.40 3.89 31.02
C GLN A 238 10.53 3.75 32.04
N SER A 239 10.89 4.86 32.70
CA SER A 239 11.94 4.85 33.73
C SER A 239 11.61 3.90 34.86
N SER A 240 10.34 3.84 35.27
CA SER A 240 9.92 3.04 36.39
C SER A 240 9.15 1.79 35.91
N ASP A 241 8.97 0.80 36.80
CA ASP A 241 8.13 -0.33 36.40
C ASP A 241 6.77 0.17 35.86
N ASN A 242 6.19 1.22 36.46
CA ASN A 242 4.97 1.75 35.87
C ASN A 242 5.34 2.78 34.85
N ILE A 243 5.17 2.44 33.58
CA ILE A 243 5.27 3.38 32.47
C ILE A 243 4.18 4.45 32.53
N ILE A 244 4.60 5.72 32.39
CA ILE A 244 3.67 6.86 32.43
C ILE A 244 3.39 7.38 31.02
N ILE A 245 2.13 7.51 30.61
CA ILE A 245 1.85 8.03 29.27
C ILE A 245 1.20 9.40 29.43
N GLU A 246 1.63 10.39 28.65
CA GLU A 246 0.98 11.72 28.68
C GLU A 246 0.34 12.16 27.38
N THR A 247 -0.88 12.69 27.50
CA THR A 247 -1.63 13.07 26.32
C THR A 247 -1.61 14.56 26.18
N LEU A 248 -2.01 15.05 25.02
CA LEU A 248 -1.84 16.46 24.71
C LEU A 248 -2.48 17.41 25.73
N ASN A 249 -3.52 16.96 26.42
CA ASN A 249 -4.18 17.75 27.47
C ASN A 249 -3.67 17.41 28.85
N HIS A 250 -2.46 16.85 28.91
CA HIS A 250 -1.77 16.51 30.15
C HIS A 250 -2.49 15.55 31.04
N GLU A 251 -3.28 14.64 30.46
CA GLU A 251 -3.72 13.47 31.24
C GLU A 251 -2.66 12.40 31.29
N HIS A 252 -2.64 11.65 32.37
CA HIS A 252 -1.62 10.64 32.57
C HIS A 252 -2.29 9.32 32.76
N TYR A 253 -1.62 8.33 32.19
CA TYR A 253 -2.03 6.94 32.22
C TYR A 253 -0.79 6.19 32.55
N GLU A 254 -0.97 5.13 33.32
CA GLU A 254 0.09 4.25 33.64
C GLU A 254 -0.21 2.83 33.17
N CYS A 255 0.83 2.10 32.77
CA CYS A 255 0.68 0.77 32.25
C CYS A 255 2.02 0.03 32.44
N LYS A 256 2.05 -1.21 31.97
CA LYS A 256 3.19 -2.08 32.15
C LYS A 256 3.90 -2.20 30.79
N TYR A 257 3.12 -2.06 29.71
CA TYR A 257 3.61 -2.27 28.34
C TYR A 257 2.93 -1.23 27.50
N VAL A 258 3.63 -0.81 26.46
CA VAL A 258 3.09 0.14 25.52
C VAL A 258 3.23 -0.53 24.20
N ILE A 259 2.17 -0.43 23.37
CA ILE A 259 2.24 -0.72 21.93
C ILE A 259 2.11 0.59 21.15
N ASN A 260 3.14 0.91 20.39
CA ASN A 260 3.13 2.06 19.54
C ASN A 260 2.59 1.59 18.21
N ALA A 261 1.41 2.13 17.87
CA ALA A 261 0.67 1.69 16.68
C ALA A 261 0.37 2.90 15.77
N ILE A 262 1.36 3.78 15.67
CA ILE A 262 1.36 4.92 14.79
C ILE A 262 2.55 4.88 13.83
N PRO A 263 2.41 5.47 12.64
CA PRO A 263 3.56 5.52 11.71
C PRO A 263 4.78 6.27 12.27
N PRO A 264 6.00 5.92 11.81
CA PRO A 264 7.33 6.36 12.31
C PRO A 264 7.49 7.88 12.47
N THR A 265 6.89 8.60 11.55
CA THR A 265 6.95 10.03 11.52
C THR A 265 6.24 10.62 12.72
N LEU A 266 5.16 9.97 13.14
CA LEU A 266 4.41 10.44 14.29
C LEU A 266 5.06 9.85 15.52
N THR A 267 5.68 8.68 15.37
CA THR A 267 6.42 8.08 16.49
C THR A 267 7.56 9.07 16.76
N ALA A 268 8.08 9.65 15.68
CA ALA A 268 9.10 10.72 15.78
C ALA A 268 8.72 11.89 16.68
N LYS A 269 7.45 12.11 16.93
CA LYS A 269 7.04 13.31 17.71
C LYS A 269 6.86 13.05 19.19
N ILE A 270 6.76 11.78 19.55
CA ILE A 270 6.58 11.42 20.94
C ILE A 270 7.90 11.71 21.69
N HIS A 271 7.77 12.31 22.88
CA HIS A 271 8.91 12.47 23.81
C HIS A 271 9.04 11.19 24.59
N PHE A 272 10.07 10.44 24.24
CA PHE A 272 10.36 9.16 24.89
C PHE A 272 11.37 9.29 25.99
N ARG A 273 11.12 8.54 27.07
CA ARG A 273 12.01 8.54 28.19
C ARG A 273 12.11 7.15 28.76
N PRO A 274 13.33 6.62 28.91
CA PRO A 274 14.53 7.17 28.31
C PRO A 274 14.38 7.34 26.80
N GLU A 275 15.18 8.21 26.20
CA GLU A 275 15.24 8.32 24.76
C GLU A 275 15.40 6.97 24.03
N LEU A 276 14.80 6.82 22.87
CA LEU A 276 14.98 5.58 22.11
C LEU A 276 16.44 5.56 21.68
N PRO A 277 16.98 4.36 21.42
CA PRO A 277 18.38 4.26 20.96
C PRO A 277 18.57 5.14 19.75
N ALA A 278 19.68 5.89 19.67
CA ALA A 278 19.97 6.79 18.50
C ALA A 278 19.65 6.16 17.17
N GLU A 279 20.06 4.91 16.98
CA GLU A 279 19.72 4.15 15.79
C GLU A 279 18.24 4.28 15.43
N ARG A 280 17.36 3.95 16.40
CA ARG A 280 15.91 4.01 16.24
C ARG A 280 15.40 5.43 16.05
N ASN A 281 15.94 6.40 16.79
CA ASN A 281 15.54 7.80 16.57
C ASN A 281 15.80 8.23 15.14
N GLN A 282 16.90 7.76 14.55
CA GLN A 282 17.23 8.14 13.17
C GLN A 282 16.26 7.53 12.18
N LEU A 283 15.92 6.27 12.44
CA LEU A 283 15.09 5.54 11.52
C LEU A 283 13.71 6.21 11.46
N ILE A 284 13.09 6.41 12.62
CA ILE A 284 11.74 6.92 12.63
C ILE A 284 11.55 8.33 12.07
N GLN A 285 12.57 9.17 12.17
CA GLN A 285 12.55 10.53 11.60
C GLN A 285 12.93 10.50 10.14
N ARG A 286 13.39 9.37 9.63
CA ARG A 286 13.81 9.31 8.23
C ARG A 286 12.88 8.55 7.31
N LEU A 287 11.68 8.22 7.76
CA LEU A 287 10.74 7.53 6.89
C LEU A 287 9.54 8.40 6.48
N PRO A 288 9.63 9.11 5.35
CA PRO A 288 8.52 10.01 5.02
C PRO A 288 7.34 9.23 4.50
N MET A 289 6.17 9.82 4.67
CA MET A 289 4.94 9.26 4.18
C MET A 289 4.80 9.62 2.71
N GLY A 290 4.29 8.68 1.90
CA GLY A 290 3.84 8.97 0.55
C GLY A 290 2.77 10.04 0.49
N ALA A 291 2.33 10.35 -0.73
CA ALA A 291 1.32 11.39 -0.87
C ALA A 291 0.15 11.00 -1.82
N VAL A 292 -1.07 11.13 -1.32
CA VAL A 292 -2.23 10.88 -2.13
C VAL A 292 -3.34 11.89 -1.77
N ILE A 293 -4.08 12.34 -2.80
CA ILE A 293 -5.38 12.94 -2.66
C ILE A 293 -6.36 11.98 -3.31
N LYS A 294 -7.26 11.44 -2.49
CA LYS A 294 -8.25 10.55 -3.00
C LYS A 294 -9.53 11.35 -3.37
N CYS A 295 -10.08 11.11 -4.56
CA CYS A 295 -11.09 11.98 -5.21
C CYS A 295 -12.24 11.16 -5.69
N MET A 296 -13.47 11.56 -5.31
CA MET A 296 -14.63 10.79 -5.73
C MET A 296 -15.62 11.58 -6.51
N MET A 297 -15.76 11.17 -7.75
CA MET A 297 -16.62 11.88 -8.68
C MET A 297 -17.87 11.05 -8.83
N TYR A 298 -19.02 11.62 -8.45
CA TYR A 298 -20.31 10.94 -8.54
C TYR A 298 -21.07 11.40 -9.74
N TYR A 299 -21.78 10.47 -10.37
CA TYR A 299 -22.62 10.77 -11.52
C TYR A 299 -23.96 10.10 -11.38
N LYS A 300 -24.92 10.46 -12.25
CA LYS A 300 -26.28 9.89 -12.24
C LYS A 300 -26.24 8.46 -12.70
N GLU A 301 -25.39 8.21 -13.69
CA GLU A 301 -25.33 6.95 -14.39
C GLU A 301 -23.88 6.58 -14.56
N ALA A 302 -23.61 5.27 -14.57
CA ALA A 302 -22.26 4.77 -14.81
C ALA A 302 -22.01 4.76 -16.32
N PHE A 303 -21.86 5.96 -16.89
CA PHE A 303 -21.80 6.09 -18.35
C PHE A 303 -20.57 5.37 -18.93
N TRP A 304 -19.52 5.19 -18.14
CA TRP A 304 -18.32 4.51 -18.60
C TRP A 304 -18.59 3.09 -19.08
N LYS A 305 -19.54 2.44 -18.39
CA LYS A 305 -19.93 1.09 -18.68
C LYS A 305 -20.52 1.00 -20.07
N LYS A 306 -21.43 1.92 -20.42
CA LYS A 306 -22.08 1.81 -21.74
C LYS A 306 -21.08 2.04 -22.89
N LYS A 307 -20.00 2.78 -22.65
CA LYS A 307 -18.90 2.78 -23.59
C LYS A 307 -18.01 1.51 -23.48
N ASP A 308 -18.48 0.52 -22.72
CA ASP A 308 -17.71 -0.70 -22.38
C ASP A 308 -16.40 -0.41 -21.65
N TYR A 309 -16.40 0.60 -20.78
CA TYR A 309 -15.31 0.78 -19.81
C TYR A 309 -15.70 0.46 -18.36
N CYS A 310 -14.84 -0.26 -17.63
CA CYS A 310 -15.18 -0.61 -16.25
C CYS A 310 -15.00 0.59 -15.32
N GLY A 311 -14.21 1.55 -15.77
CA GLY A 311 -13.99 2.79 -15.04
C GLY A 311 -12.62 2.80 -14.40
N CYS A 312 -11.85 1.73 -14.64
CA CYS A 312 -10.47 1.70 -14.29
C CYS A 312 -9.66 2.32 -15.43
N MET A 313 -8.94 3.38 -15.09
CA MET A 313 -8.09 4.10 -16.04
C MET A 313 -6.71 4.18 -15.39
N ILE A 314 -5.71 3.71 -16.12
CA ILE A 314 -4.30 3.94 -15.82
C ILE A 314 -3.86 5.16 -16.61
N ILE A 315 -3.84 6.33 -15.98
CA ILE A 315 -3.52 7.59 -16.66
C ILE A 315 -2.03 7.95 -16.54
N GLU A 316 -1.29 7.69 -17.62
CA GLU A 316 0.12 7.90 -17.77
C GLU A 316 0.27 9.20 -18.60
N ASP A 317 0.33 10.35 -17.91
CA ASP A 317 0.21 11.70 -18.51
C ASP A 317 0.57 12.69 -17.42
N GLU A 318 1.60 13.50 -17.65
CA GLU A 318 2.12 14.37 -16.59
C GLU A 318 1.27 15.63 -16.36
N ASP A 319 0.46 16.01 -17.34
CA ASP A 319 -0.44 17.13 -17.17
C ASP A 319 -1.68 16.68 -16.44
N ALA A 320 -1.94 15.38 -16.46
CA ALA A 320 -3.18 14.82 -15.91
C ALA A 320 -3.28 14.94 -14.39
N PRO A 321 -4.37 15.54 -13.87
CA PRO A 321 -4.65 15.52 -12.41
C PRO A 321 -4.45 14.12 -11.81
N ILE A 322 -5.05 13.10 -12.37
CA ILE A 322 -5.19 11.80 -11.70
C ILE A 322 -4.20 10.74 -12.26
N SER A 323 -3.82 9.75 -11.45
CA SER A 323 -2.90 8.69 -11.92
C SER A 323 -3.59 7.41 -12.27
N ILE A 324 -4.61 7.08 -11.48
CA ILE A 324 -5.31 5.82 -11.57
C ILE A 324 -6.71 5.97 -10.97
N THR A 325 -7.63 5.13 -11.41
CA THR A 325 -9.02 5.21 -11.00
C THR A 325 -9.58 3.81 -10.98
N LEU A 326 -10.63 3.66 -10.18
CA LEU A 326 -11.51 2.50 -10.19
C LEU A 326 -12.92 3.05 -10.15
N ASP A 327 -13.85 2.26 -10.68
CA ASP A 327 -15.24 2.46 -10.43
C ASP A 327 -15.47 2.37 -8.94
N ASP A 328 -16.29 3.26 -8.43
CA ASP A 328 -16.69 3.23 -7.06
C ASP A 328 -18.23 3.19 -6.90
N THR A 329 -18.89 2.53 -7.82
CA THR A 329 -20.35 2.48 -7.83
C THR A 329 -20.68 1.50 -6.73
N LYS A 330 -21.75 1.72 -6.01
CA LYS A 330 -22.14 0.84 -4.91
C LYS A 330 -22.48 -0.59 -5.43
N PRO A 331 -22.37 -1.59 -4.56
CA PRO A 331 -22.60 -2.94 -5.10
C PRO A 331 -23.94 -3.14 -5.82
N ASP A 332 -24.96 -2.32 -5.53
CA ASP A 332 -26.26 -2.48 -6.23
C ASP A 332 -26.41 -1.61 -7.46
N GLY A 333 -25.34 -0.94 -7.89
CA GLY A 333 -25.42 -0.10 -9.06
C GLY A 333 -25.84 1.31 -8.71
N SER A 334 -26.19 1.56 -7.45
CA SER A 334 -26.50 2.95 -7.07
C SER A 334 -25.25 3.81 -6.88
N LEU A 335 -25.48 5.12 -6.97
CA LEU A 335 -24.47 6.19 -6.87
C LEU A 335 -23.22 5.86 -7.63
N PRO A 336 -23.30 5.83 -8.96
CA PRO A 336 -22.17 5.57 -9.79
C PRO A 336 -21.07 6.60 -9.48
N ALA A 337 -19.81 6.13 -9.44
CA ALA A 337 -18.69 6.98 -9.00
C ALA A 337 -17.41 6.46 -9.59
N ILE A 338 -16.48 7.37 -9.81
CA ILE A 338 -15.09 7.04 -10.12
C ILE A 338 -14.21 7.47 -8.92
N MET A 339 -13.52 6.51 -8.31
CA MET A 339 -12.52 6.78 -7.27
C MET A 339 -11.29 7.13 -8.04
N GLY A 340 -10.73 8.30 -7.80
CA GLY A 340 -9.48 8.68 -8.48
C GLY A 340 -8.38 8.97 -7.47
N PHE A 341 -7.15 8.58 -7.78
CA PHE A 341 -6.03 9.03 -6.95
C PHE A 341 -5.17 10.05 -7.66
N ILE A 342 -4.81 11.08 -6.92
CA ILE A 342 -3.73 11.98 -7.27
C ILE A 342 -2.57 11.60 -6.35
N LEU A 343 -1.40 11.27 -6.93
CA LEU A 343 -0.30 10.62 -6.21
C LEU A 343 1.03 11.31 -6.37
N ALA A 344 1.89 11.16 -5.37
CA ALA A 344 3.31 11.47 -5.46
C ALA A 344 3.46 12.94 -5.75
N ARG A 345 4.37 13.36 -6.63
CA ARG A 345 4.56 14.80 -6.89
C ARG A 345 3.31 15.54 -7.40
N LYS A 346 2.48 14.88 -8.24
CA LYS A 346 1.22 15.41 -8.78
C LYS A 346 0.28 15.79 -7.67
N ALA A 347 0.24 15.00 -6.59
CA ALA A 347 -0.60 15.37 -5.48
C ALA A 347 -0.08 16.65 -4.88
N ASP A 348 1.24 16.76 -4.78
CA ASP A 348 1.83 17.89 -4.04
C ASP A 348 1.54 19.21 -4.75
N ARG A 349 1.42 19.12 -6.06
CA ARG A 349 1.22 20.27 -6.93
C ARG A 349 -0.27 20.57 -7.09
N LEU A 350 -1.11 19.52 -7.13
CA LEU A 350 -2.53 19.76 -7.23
C LEU A 350 -3.13 20.22 -5.94
N ALA A 351 -2.51 19.86 -4.82
CA ALA A 351 -2.96 20.30 -3.50
C ALA A 351 -3.00 21.83 -3.44
N LYS A 352 -2.20 22.47 -4.30
CA LYS A 352 -2.08 23.93 -4.32
C LYS A 352 -3.31 24.63 -4.94
N LEU A 353 -4.15 23.89 -5.67
CA LEU A 353 -5.36 24.48 -6.24
C LEU A 353 -6.54 24.50 -5.24
N HIS A 354 -7.54 25.30 -5.58
CA HIS A 354 -8.87 25.28 -4.94
C HIS A 354 -9.61 24.01 -5.37
N LYS A 355 -10.44 23.51 -4.48
CA LYS A 355 -11.12 22.25 -4.64
C LYS A 355 -11.97 22.23 -5.94
N GLU A 356 -12.54 23.37 -6.29
CA GLU A 356 -13.46 23.45 -7.44
C GLU A 356 -12.66 23.30 -8.71
N ILE A 357 -11.46 23.87 -8.74
CA ILE A 357 -10.53 23.77 -9.87
C ILE A 357 -10.00 22.35 -9.99
N ARG A 358 -9.65 21.75 -8.86
CA ARG A 358 -9.20 20.38 -8.84
C ARG A 358 -10.32 19.50 -9.38
N LYS A 359 -11.55 19.75 -8.95
CA LYS A 359 -12.73 19.06 -9.50
C LYS A 359 -12.93 19.33 -10.99
N LYS A 360 -12.65 20.55 -11.41
CA LYS A 360 -12.88 20.92 -12.78
C LYS A 360 -11.93 20.12 -13.68
N LYS A 361 -10.67 20.06 -13.25
CA LYS A 361 -9.62 19.45 -14.04
C LYS A 361 -9.80 17.95 -14.15
N ILE A 362 -10.46 17.35 -13.15
CA ILE A 362 -10.63 15.89 -13.08
C ILE A 362 -11.74 15.45 -14.04
N CYS A 363 -12.88 16.13 -13.97
CA CYS A 363 -13.95 15.97 -14.95
C CYS A 363 -13.47 16.11 -16.39
N GLU A 364 -12.62 17.10 -16.64
CA GLU A 364 -12.04 17.33 -17.94
C GLU A 364 -11.15 16.16 -18.41
N LEU A 365 -10.39 15.58 -17.47
CA LEU A 365 -9.61 14.39 -17.78
C LEU A 365 -10.55 13.19 -17.98
N TYR A 366 -11.58 13.01 -17.15
CA TYR A 366 -12.47 11.88 -17.38
C TYR A 366 -13.15 11.93 -18.75
N ALA A 367 -13.60 13.13 -19.12
CA ALA A 367 -14.29 13.38 -20.39
C ALA A 367 -13.41 12.89 -21.52
N LYS A 368 -12.17 13.38 -21.51
CA LYS A 368 -11.17 13.05 -22.50
C LYS A 368 -10.99 11.55 -22.51
N VAL A 369 -10.56 10.98 -21.38
CA VAL A 369 -10.15 9.57 -21.32
C VAL A 369 -11.30 8.64 -21.71
N LEU A 370 -12.48 8.91 -21.17
CA LEU A 370 -13.62 8.02 -21.38
C LEU A 370 -14.38 8.38 -22.66
N GLY A 371 -13.98 9.48 -23.29
CA GLY A 371 -14.59 9.91 -24.55
C GLY A 371 -16.06 10.18 -24.34
N SER A 372 -16.38 10.86 -23.25
CA SER A 372 -17.75 11.24 -23.02
C SER A 372 -17.76 12.63 -22.40
N GLN A 373 -18.88 13.33 -22.55
CA GLN A 373 -19.05 14.68 -22.05
C GLN A 373 -19.83 14.57 -20.80
N GLU A 374 -20.41 13.39 -20.58
CA GLU A 374 -21.20 13.15 -19.40
C GLU A 374 -20.31 13.24 -18.14
N ALA A 375 -18.99 13.14 -18.36
CA ALA A 375 -18.02 13.26 -17.29
C ALA A 375 -17.99 14.66 -16.72
N LEU A 376 -18.45 15.62 -17.52
CA LEU A 376 -18.41 17.02 -17.15
C LEU A 376 -19.67 17.40 -16.37
N HIS A 377 -20.45 16.38 -16.01
CA HIS A 377 -21.68 16.62 -15.31
C HIS A 377 -21.82 15.77 -14.08
N PRO A 378 -20.87 15.92 -13.13
CA PRO A 378 -20.95 15.21 -11.87
C PRO A 378 -22.07 15.72 -10.97
N VAL A 379 -22.70 14.82 -10.24
CA VAL A 379 -23.69 15.24 -9.29
C VAL A 379 -23.11 15.56 -7.90
N HIS A 380 -21.82 15.24 -7.70
CA HIS A 380 -21.13 15.36 -6.41
C HIS A 380 -19.64 15.03 -6.55
N TYR A 381 -18.86 15.61 -5.64
CA TYR A 381 -17.41 15.45 -5.60
C TYR A 381 -16.97 15.38 -4.14
N GLU A 382 -16.21 14.32 -3.80
CA GLU A 382 -15.57 14.23 -2.50
C GLU A 382 -14.06 14.14 -2.69
N GLU A 383 -13.32 14.79 -1.81
CA GLU A 383 -11.90 14.63 -1.87
C GLU A 383 -11.33 14.51 -0.46
N LYS A 384 -10.24 13.77 -0.34
CA LYS A 384 -9.52 13.73 0.91
C LYS A 384 -8.06 13.81 0.64
N ASN A 385 -7.41 14.85 1.20
CA ASN A 385 -5.97 15.05 1.07
C ASN A 385 -5.23 14.43 2.22
N TRP A 386 -4.58 13.32 2.00
CA TRP A 386 -3.89 12.68 3.10
C TRP A 386 -2.58 13.29 3.59
N CYS A 387 -1.90 14.11 2.76
CA CYS A 387 -0.65 14.79 3.20
C CYS A 387 -0.93 15.80 4.31
N GLU A 388 -2.12 16.39 4.21
CA GLU A 388 -2.60 17.43 5.12
C GLU A 388 -3.24 16.88 6.41
N GLU A 389 -3.10 15.56 6.65
CA GLU A 389 -3.62 14.94 7.87
C GLU A 389 -2.55 14.89 8.94
N GLN A 390 -2.69 15.74 9.97
CA GLN A 390 -1.67 15.77 10.97
C GLN A 390 -1.49 14.43 11.67
N TYR A 391 -2.56 13.65 11.77
CA TYR A 391 -2.45 12.38 12.46
C TYR A 391 -2.10 11.15 11.58
N SER A 392 -1.81 11.42 10.31
CA SER A 392 -1.41 10.36 9.39
C SER A 392 -0.05 10.63 8.78
N GLY A 393 0.16 11.84 8.27
CA GLY A 393 1.40 12.27 7.59
C GLY A 393 1.27 12.16 6.08
N GLY A 394 0.35 11.32 5.62
CA GLY A 394 0.22 10.98 4.18
C GLY A 394 -0.19 9.54 4.06
N CYS A 395 -0.33 9.07 2.85
CA CYS A 395 -0.70 7.70 2.56
C CYS A 395 -0.01 7.25 1.31
N TYR A 396 -0.02 5.95 1.02
CA TYR A 396 -0.62 4.95 1.92
C TYR A 396 0.22 4.70 3.14
N THR A 397 1.51 4.85 2.98
CA THR A 397 2.43 4.31 3.94
C THR A 397 3.75 5.06 3.92
N ALA A 398 4.66 4.67 4.79
CA ALA A 398 5.95 5.31 4.80
C ALA A 398 6.74 4.71 3.61
N TYR A 399 7.70 5.45 3.09
CA TYR A 399 8.66 4.92 2.10
C TYR A 399 10.06 5.01 2.67
N PHE A 400 10.91 4.15 2.17
CA PHE A 400 12.28 4.15 2.60
C PHE A 400 13.15 4.88 1.58
N PRO A 401 13.70 6.03 1.96
CA PRO A 401 14.70 6.64 1.08
C PRO A 401 15.98 5.77 0.98
N PRO A 402 16.75 5.94 -0.09
CA PRO A 402 17.97 5.17 -0.24
C PRO A 402 18.91 5.19 1.00
N GLY A 403 19.69 4.13 1.19
CA GLY A 403 20.55 4.02 2.37
C GLY A 403 19.85 3.72 3.70
N ILE A 404 18.64 4.25 3.92
CA ILE A 404 17.98 4.11 5.23
C ILE A 404 17.85 2.67 5.69
N MET A 405 17.55 1.78 4.76
CA MET A 405 17.22 0.42 5.13
C MET A 405 18.44 -0.32 5.72
N THR A 406 19.57 -0.14 5.06
CA THR A 406 20.78 -0.81 5.46
C THR A 406 21.33 -0.10 6.67
N GLN A 407 21.11 1.21 6.76
CA GLN A 407 21.69 1.95 7.88
C GLN A 407 20.89 1.90 9.17
N TYR A 408 19.57 1.99 9.12
CA TYR A 408 18.79 2.12 10.35
C TYR A 408 17.69 1.11 10.38
N GLY A 409 17.35 0.59 9.20
CA GLY A 409 16.28 -0.34 9.01
C GLY A 409 16.17 -1.53 9.93
N ARG A 410 17.25 -2.06 10.50
CA ARG A 410 17.10 -3.35 11.15
C ARG A 410 16.23 -3.35 12.43
N VAL A 411 15.79 -2.17 12.84
CA VAL A 411 15.09 -2.00 14.08
C VAL A 411 13.66 -1.46 13.93
N ILE A 412 13.08 -1.46 12.71
CA ILE A 412 11.70 -0.94 12.51
C ILE A 412 10.73 -1.53 13.54
N ARG A 413 10.91 -2.78 13.93
CA ARG A 413 9.91 -3.39 14.81
C ARG A 413 10.46 -3.94 16.12
N GLN A 414 11.73 -3.64 16.38
CA GLN A 414 12.37 -4.09 17.60
C GLN A 414 11.79 -3.41 18.85
N PRO A 415 11.44 -4.21 19.88
CA PRO A 415 11.04 -3.59 21.16
C PRO A 415 12.12 -2.66 21.72
N VAL A 416 11.67 -1.67 22.47
CA VAL A 416 12.53 -0.73 23.20
C VAL A 416 12.04 -0.84 24.64
N GLY A 417 12.75 -1.70 25.39
CA GLY A 417 12.34 -2.09 26.74
C GLY A 417 11.01 -2.78 26.75
N ARG A 418 10.04 -2.08 27.31
CA ARG A 418 8.66 -2.58 27.31
C ARG A 418 7.74 -1.79 26.35
N ILE A 419 8.35 -1.07 25.42
CA ILE A 419 7.61 -0.51 24.29
C ILE A 419 7.72 -1.44 23.08
N PHE A 420 6.59 -1.89 22.57
CA PHE A 420 6.50 -2.75 21.35
C PHE A 420 5.92 -1.98 20.16
N PHE A 421 6.32 -2.32 18.95
CA PHE A 421 5.93 -1.45 17.88
C PHE A 421 5.09 -2.17 16.89
N ALA A 422 3.99 -1.52 16.50
CA ALA A 422 3.07 -2.09 15.55
C ALA A 422 2.84 -1.01 14.52
N GLY A 423 1.71 -1.04 13.86
CA GLY A 423 1.51 -0.11 12.77
C GLY A 423 1.86 -0.91 11.52
N THR A 424 1.15 -0.65 10.44
CA THR A 424 1.39 -1.38 9.20
C THR A 424 2.88 -1.39 8.71
N GLU A 425 3.59 -0.28 8.92
CA GLU A 425 5.03 -0.17 8.58
C GLU A 425 5.95 -1.21 9.26
N THR A 426 5.48 -1.88 10.30
CA THR A 426 6.30 -2.94 10.89
C THR A 426 5.90 -4.33 10.46
N ALA A 427 4.96 -4.42 9.52
CA ALA A 427 4.43 -5.69 9.05
C ALA A 427 5.41 -6.32 8.08
N THR A 428 5.26 -7.62 7.89
CA THR A 428 6.11 -8.37 6.96
C THR A 428 5.30 -8.95 5.82
N LYS A 429 4.00 -8.74 5.84
CA LYS A 429 3.17 -9.21 4.76
C LYS A 429 2.09 -8.12 4.54
N TRP A 430 2.04 -7.58 3.33
CA TRP A 430 1.17 -6.42 3.04
C TRP A 430 1.39 -5.28 4.03
N SER A 431 2.66 -5.09 4.40
CA SER A 431 3.06 -3.85 5.02
C SER A 431 2.59 -2.69 4.14
N GLY A 432 1.88 -1.75 4.73
CA GLY A 432 1.45 -0.60 3.97
C GLY A 432 -0.03 -0.70 3.79
N TYR A 433 -0.59 -1.84 4.16
CA TYR A 433 -1.96 -2.16 3.89
C TYR A 433 -2.74 -2.37 5.17
N MET A 434 -4.05 -2.36 5.09
CA MET A 434 -4.90 -2.80 6.21
C MET A 434 -4.55 -4.21 6.65
N GLU A 435 -4.19 -5.06 5.71
CA GLU A 435 -3.66 -6.37 6.06
C GLU A 435 -2.46 -6.30 7.00
N GLY A 436 -1.46 -5.50 6.63
CA GLY A 436 -0.26 -5.36 7.43
C GLY A 436 -0.53 -4.74 8.77
N ALA A 437 -1.49 -3.81 8.80
CA ALA A 437 -1.85 -3.18 10.07
C ALA A 437 -2.33 -4.26 11.09
N VAL A 438 -3.09 -5.24 10.62
CA VAL A 438 -3.62 -6.31 11.49
C VAL A 438 -2.48 -7.23 11.96
N GLU A 439 -1.59 -7.56 11.03
CA GLU A 439 -0.51 -8.47 11.30
C GLU A 439 0.36 -7.91 12.38
N ALA A 440 0.77 -6.65 12.19
CA ALA A 440 1.71 -5.95 13.04
C ALA A 440 1.04 -5.76 14.39
N GLY A 441 -0.26 -5.41 14.32
CA GLY A 441 -1.03 -5.15 15.53
C GLY A 441 -1.09 -6.39 16.41
N GLU A 442 -1.40 -7.53 15.82
CA GLU A 442 -1.52 -8.78 16.55
C GLU A 442 -0.17 -9.38 16.98
N ARG A 443 0.89 -9.06 16.29
CA ARG A 443 2.17 -9.65 16.63
C ARG A 443 2.75 -8.89 17.79
N ALA A 444 2.53 -7.58 17.79
CA ALA A 444 2.86 -6.73 18.92
C ALA A 444 2.00 -7.17 20.13
N ALA A 445 0.71 -7.40 19.96
CA ALA A 445 -0.04 -7.84 21.14
C ALA A 445 0.63 -9.13 21.66
N ARG A 446 0.98 -10.03 20.75
CA ARG A 446 1.56 -11.32 21.15
C ARG A 446 2.92 -11.13 21.81
N GLU A 447 3.66 -10.13 21.37
CA GLU A 447 4.93 -9.81 22.00
C GLU A 447 4.70 -9.41 23.42
N VAL A 448 3.70 -8.56 23.64
CA VAL A 448 3.27 -8.20 24.99
C VAL A 448 2.70 -9.38 25.81
N LEU A 449 1.84 -10.20 25.21
CA LEU A 449 1.26 -11.34 25.91
C LEU A 449 2.36 -12.26 26.34
N ASN A 450 3.37 -12.38 25.48
CA ASN A 450 4.54 -13.17 25.82
C ASN A 450 5.32 -12.56 26.97
N GLY A 451 5.29 -11.23 27.11
CA GLY A 451 5.92 -10.62 28.29
C GLY A 451 5.10 -11.00 29.52
N LEU A 452 3.79 -11.00 29.37
CA LEU A 452 2.93 -11.29 30.49
C LEU A 452 2.95 -12.77 30.81
N GLY A 453 3.64 -13.58 29.99
CA GLY A 453 3.72 -15.06 30.17
C GLY A 453 2.49 -15.86 29.77
N LYS A 454 1.74 -15.35 28.80
CA LYS A 454 0.45 -15.92 28.45
C LYS A 454 0.50 -16.50 27.04
N VAL A 455 1.59 -16.20 26.34
CA VAL A 455 1.86 -16.77 25.02
C VAL A 455 3.32 -17.19 24.86
N THR A 456 3.55 -18.29 24.15
CA THR A 456 4.89 -18.84 24.00
C THR A 456 5.69 -18.01 23.01
N GLU A 457 7.02 -18.05 23.11
CA GLU A 457 7.85 -17.45 22.06
C GLU A 457 7.50 -17.93 20.63
N LYS A 458 7.20 -19.22 20.45
CA LYS A 458 6.85 -19.73 19.12
C LYS A 458 5.50 -19.13 18.67
N ASP A 459 4.64 -18.79 19.61
CA ASP A 459 3.33 -18.29 19.27
C ASP A 459 3.25 -16.79 18.95
N ILE A 460 4.34 -16.06 19.11
CA ILE A 460 4.33 -14.64 18.79
C ILE A 460 4.00 -14.38 17.31
N TRP A 461 4.54 -15.22 16.40
CA TRP A 461 4.26 -15.15 14.98
C TRP A 461 3.35 -16.30 14.56
N VAL A 462 2.08 -15.97 14.34
CA VAL A 462 1.09 -16.94 13.95
C VAL A 462 0.81 -16.84 12.44
N GLN A 463 0.66 -17.98 11.78
CA GLN A 463 0.28 -18.06 10.38
C GLN A 463 -1.26 -17.87 10.24
N GLU A 464 -1.69 -17.06 9.30
CA GLU A 464 -3.11 -16.94 9.09
C GLU A 464 -3.61 -18.07 8.13
N PRO A 465 -4.58 -18.89 8.60
CA PRO A 465 -5.15 -19.84 7.67
C PRO A 465 -5.71 -19.03 6.46
N GLU A 466 -5.61 -19.61 5.27
CA GLU A 466 -6.08 -18.99 4.07
C GLU A 466 -7.56 -18.81 4.20
N SER A 467 -8.03 -17.65 3.75
CA SER A 467 -9.44 -17.33 3.73
C SER A 467 -10.19 -18.26 2.80
N LYS A 468 -11.32 -18.78 3.31
CA LYS A 468 -12.20 -19.61 2.54
C LYS A 468 -13.10 -18.87 1.57
N ASP A 469 -13.45 -17.61 1.84
CA ASP A 469 -14.37 -16.84 0.99
C ASP A 469 -13.65 -16.16 -0.19
N VAL A 470 -12.37 -15.84 0.04
CA VAL A 470 -11.55 -15.12 -0.93
C VAL A 470 -10.23 -15.88 -0.96
N PRO A 471 -10.25 -17.09 -1.52
CA PRO A 471 -9.04 -17.90 -1.68
C PRO A 471 -8.07 -17.24 -2.69
N ALA A 472 -6.78 -17.54 -2.46
CA ALA A 472 -5.65 -17.07 -3.24
C ALA A 472 -5.46 -18.00 -4.39
N VAL A 473 -5.97 -17.60 -5.55
CA VAL A 473 -5.55 -18.27 -6.74
C VAL A 473 -4.07 -17.93 -6.99
N GLU A 474 -3.30 -19.00 -7.10
CA GLU A 474 -1.86 -19.00 -7.37
C GLU A 474 -1.53 -18.22 -8.62
N ILE A 475 -0.40 -17.52 -8.57
CA ILE A 475 -0.05 -16.69 -9.71
C ILE A 475 0.84 -17.42 -10.69
N THR A 476 0.37 -17.42 -11.91
CA THR A 476 0.99 -18.13 -13.02
C THR A 476 1.68 -17.18 -13.96
N HIS A 477 2.79 -17.58 -14.53
CA HIS A 477 3.27 -16.89 -15.71
C HIS A 477 3.42 -17.85 -16.87
N THR A 478 2.90 -17.43 -18.03
CA THR A 478 3.05 -18.16 -19.29
C THR A 478 4.50 -18.60 -19.62
N PHE A 479 4.61 -19.69 -20.37
CA PHE A 479 5.90 -20.16 -20.85
C PHE A 479 6.76 -19.02 -21.40
N TRP A 480 6.11 -18.17 -22.19
CA TRP A 480 6.73 -17.02 -22.83
C TRP A 480 7.15 -15.89 -21.89
N GLU A 481 6.37 -15.66 -20.84
CA GLU A 481 6.74 -14.73 -19.76
C GLU A 481 8.03 -15.16 -19.03
N ARG A 482 8.08 -16.45 -18.70
CA ARG A 482 9.25 -17.11 -18.10
C ARG A 482 10.47 -17.02 -18.98
N ASN A 483 10.27 -17.23 -20.29
CA ASN A 483 11.36 -17.52 -21.21
C ASN A 483 11.77 -16.49 -22.23
N LEU A 484 10.91 -15.59 -22.64
CA LEU A 484 11.32 -14.51 -23.53
C LEU A 484 12.46 -13.72 -22.91
N PRO A 485 13.45 -13.35 -23.75
CA PRO A 485 14.59 -12.63 -23.25
C PRO A 485 14.33 -11.13 -23.14
N SER A 486 15.12 -10.51 -22.26
CA SER A 486 15.22 -9.08 -22.15
C SER A 486 15.76 -8.51 -23.44
N VAL A 487 15.81 -7.19 -23.54
CA VAL A 487 16.30 -6.59 -24.73
C VAL A 487 17.74 -7.01 -24.90
N SER A 488 18.54 -6.80 -23.88
CA SER A 488 19.92 -7.21 -24.00
C SER A 488 20.10 -8.71 -24.17
N GLY A 489 19.20 -9.53 -23.63
CA GLY A 489 19.17 -10.98 -23.91
C GLY A 489 18.98 -11.31 -25.40
N LEU A 490 18.00 -10.65 -26.00
CA LEU A 490 17.82 -10.70 -27.45
C LEU A 490 19.13 -10.47 -28.25
N LEU A 491 19.89 -9.48 -27.81
CA LEU A 491 21.13 -9.10 -28.42
C LEU A 491 22.19 -10.18 -28.25
N LYS A 492 22.26 -10.81 -27.08
CA LYS A 492 23.29 -11.81 -26.89
C LYS A 492 22.99 -12.99 -27.81
N ILE A 493 21.68 -13.20 -28.08
CA ILE A 493 21.24 -14.35 -28.85
C ILE A 493 21.40 -13.99 -30.32
N ILE A 494 20.85 -12.86 -30.74
CA ILE A 494 21.06 -12.37 -32.10
C ILE A 494 22.53 -12.39 -32.57
N GLY A 495 23.47 -12.12 -31.65
CA GLY A 495 24.90 -12.12 -31.97
C GLY A 495 25.44 -13.54 -32.03
N PHE A 496 24.63 -14.50 -31.60
CA PHE A 496 24.87 -15.93 -31.80
C PHE A 496 24.23 -16.35 -33.13
N SER A 497 22.92 -16.14 -33.27
CA SER A 497 22.20 -16.25 -34.55
C SER A 497 23.04 -15.75 -35.75
N THR A 498 23.64 -14.57 -35.57
CA THR A 498 24.41 -13.98 -36.62
C THR A 498 25.75 -14.69 -36.78
N SER A 499 26.50 -14.90 -35.70
CA SER A 499 27.80 -15.56 -35.81
C SER A 499 27.70 -16.83 -36.65
N VAL A 500 26.67 -17.62 -36.36
CA VAL A 500 26.66 -18.98 -36.86
C VAL A 500 25.97 -19.09 -38.22
N THR A 501 24.91 -18.32 -38.46
CA THR A 501 24.41 -18.06 -39.82
C THR A 501 25.58 -17.72 -40.77
N ALA A 502 26.53 -16.96 -40.23
CA ALA A 502 27.75 -16.56 -40.91
C ALA A 502 28.67 -17.74 -41.15
N LEU A 503 28.92 -18.55 -40.11
CA LEU A 503 29.74 -19.76 -40.30
C LEU A 503 28.97 -20.86 -41.09
N GLY A 504 27.64 -20.80 -41.03
CA GLY A 504 26.75 -21.64 -41.86
C GLY A 504 26.85 -21.25 -43.31
N PHE A 505 27.33 -20.03 -43.56
CA PHE A 505 27.71 -19.59 -44.89
C PHE A 505 29.15 -19.94 -45.29
N VAL A 506 30.10 -19.96 -44.35
CA VAL A 506 31.44 -20.46 -44.70
C VAL A 506 31.44 -21.98 -44.83
N LEU A 507 30.56 -22.66 -44.10
CA LEU A 507 30.48 -24.11 -44.23
C LEU A 507 29.77 -24.56 -45.50
N TYR A 508 28.80 -23.75 -45.94
CA TYR A 508 28.04 -23.98 -47.19
C TYR A 508 28.83 -23.62 -48.45
N LYS A 509 29.68 -22.60 -48.37
CA LYS A 509 30.61 -22.22 -49.44
C LYS A 509 31.71 -23.27 -49.67
N TYR A 510 32.13 -23.94 -48.59
CA TYR A 510 33.20 -24.96 -48.65
C TYR A 510 32.74 -26.41 -48.51
N LYS A 511 31.44 -26.64 -48.72
CA LYS A 511 30.78 -27.96 -48.62
C LYS A 511 31.12 -28.76 -47.34
N LEU A 512 31.16 -28.07 -46.20
CA LEU A 512 31.53 -28.72 -44.92
C LEU A 512 30.38 -28.76 -43.89
N LEU A 513 29.14 -28.84 -44.41
CA LEU A 513 27.90 -28.93 -43.61
C LEU A 513 27.84 -30.20 -42.75
PA FAD B . -3.15 4.28 10.98
O1A FAD B . -2.30 5.47 10.65
O2A FAD B . -4.40 3.96 10.27
O5B FAD B . -3.45 4.50 12.50
C5B FAD B . -2.75 5.31 13.36
C4B FAD B . -3.68 5.86 14.41
O4B FAD B . -2.93 6.66 15.30
C3B FAD B . -4.64 6.81 13.72
O3B FAD B . -6.02 6.44 14.01
C2B FAD B . -4.16 8.25 14.19
O2B FAD B . -5.25 9.15 14.31
C1B FAD B . -3.65 7.94 15.55
N9A FAD B . -2.56 8.72 16.07
C8A FAD B . -1.56 9.34 15.38
N7A FAD B . -0.73 9.93 16.25
C5A FAD B . -1.15 9.64 17.48
C6A FAD B . -0.68 9.91 18.76
N6A FAD B . 0.42 10.60 19.00
N1A FAD B . -1.38 9.45 19.79
C2A FAD B . -2.49 8.74 19.65
N3A FAD B . -2.95 8.43 18.47
C4A FAD B . -2.29 8.85 17.35
N1 FAD B . -4.65 -0.03 2.46
C2 FAD B . -5.32 -1.11 2.02
O2 FAD B . -5.19 -2.16 2.64
N3 FAD B . -6.15 -0.95 0.91
C4 FAD B . -6.25 0.28 0.25
O4 FAD B . -6.98 0.37 -0.75
C4X FAD B . -5.55 1.36 0.68
N5 FAD B . -5.53 2.60 0.01
C5X FAD B . -5.28 3.71 0.76
C6 FAD B . -5.74 4.95 0.32
C7 FAD B . -5.59 6.02 1.13
C7M FAD B . -6.12 7.40 0.63
C8 FAD B . -4.98 5.87 2.39
C8M FAD B . -4.82 7.05 3.30
C9 FAD B . -4.50 4.65 2.83
C9A FAD B . -4.64 3.54 1.99
N10 FAD B . -4.17 2.26 2.36
C10 FAD B . -4.76 1.18 1.80
C1' FAD B . -3.24 2.12 3.46
C2' FAD B . -4.04 1.69 4.75
O2' FAD B . -5.08 2.62 4.96
C3' FAD B . -3.07 1.65 5.96
O3' FAD B . -1.95 0.83 5.62
C4' FAD B . -3.64 1.16 7.24
O4' FAD B . -4.89 1.83 7.52
C5' FAD B . -2.60 1.55 8.34
O5' FAD B . -3.14 1.34 9.64
P FAD B . -2.39 1.54 11.01
O1P FAD B . -3.36 1.20 12.10
O2P FAD B . -1.09 0.83 10.87
O3P FAD B . -2.16 3.01 10.87
CAB HRM C . -1.50 -0.19 -4.34
CAL HRM C . -2.87 0.41 -4.57
NAH HRM C . -3.48 1.02 -3.55
CAC HRM C . -4.66 1.61 -3.68
CAE HRM C . -5.33 1.60 -4.90
CAO HRM C . -4.73 0.96 -5.97
CAP HRM C . -3.48 0.37 -5.82
NAI HRM C . -3.13 -0.16 -7.00
CAM HRM C . -4.10 0.06 -7.88
CAG HRM C . -4.22 -0.30 -9.21
CAN HRM C . -5.11 0.79 -7.28
CAF HRM C . -6.25 1.16 -7.96
CAD HRM C . -6.39 0.80 -9.31
CAK HRM C . -5.38 0.05 -9.93
OAJ HRM C . -5.50 -0.28 -11.24
CAA HRM C . -4.57 -1.36 -11.58
C3 DCX D . 0.93 -13.75 -22.42
O4 DCX D . 3.15 -15.20 -23.09
C6 DCX D . 1.96 -14.40 -26.43
C14 DCX D . 9.95 -15.67 -30.99
C13 DCX D . 8.48 -15.62 -31.46
C12 DCX D . 7.59 -14.86 -30.46
C11 DCX D . 6.57 -15.77 -29.78
C10 DCX D . 5.30 -14.98 -29.47
C9 DCX D . 5.44 -14.17 -28.17
C8 DCX D . 4.09 -13.71 -27.63
C7 DCX D . 3.38 -14.80 -26.83
C4 DCX D . 1.97 -13.67 -25.08
P1 DCX D . 1.83 -14.77 -23.59
C2 DCX D . 0.73 -16.13 -24.00
C3 DCX E . -0.14 -10.65 -27.04
O4 DCX E . 0.21 -7.93 -26.87
C6 DCX E . 2.75 -9.28 -28.43
C14 DCX E . 11.65 -10.50 -31.96
C13 DCX E . 10.60 -10.02 -30.95
C12 DCX E . 9.84 -11.17 -30.27
C11 DCX E . 8.90 -10.57 -29.24
C10 DCX E . 7.44 -10.90 -29.53
C9 DCX E . 6.49 -10.16 -28.57
C8 DCX E . 5.04 -10.29 -29.03
C7 DCX E . 4.23 -9.00 -28.77
C4 DCX E . 2.53 -9.53 -26.92
P1 DCX E . 0.79 -9.23 -26.42
C2 DCX E . 0.74 -9.45 -24.63
#